data_3VKB
#
_entry.id   3VKB
#
_cell.length_a   46.677
_cell.length_b   58.564
_cell.length_c   58.899
_cell.angle_alpha   97.67
_cell.angle_beta   112.24
_cell.angle_gamma   108.56
#
_symmetry.space_group_name_H-M   'P 1'
#
loop_
_entity.id
_entity.type
_entity.pdbx_description
1 polymer MoeO5
2 non-polymer 'MAGNESIUM ION'
3 non-polymer 'CHLORIDE ION'
4 non-polymer 'PYROPHOSPHATE 2-'
5 non-polymer 'S-[(2E,6E)-3,7,11-TRIMETHYLDODECA-2,6,10-TRIENYL] TRIHYDROGEN THIODIPHOSPHATE'
6 water water
#
_entity_poly.entity_id   1
_entity_poly.type   'polypeptide(L)'
_entity_poly.pdbx_seq_one_letter_code
;AGAGAMNASPQLDHHTELHAAPPLWRPGRVLARLREHQPGPVHIIDPFKVPVTEAVEKAAELTRLGFAAVLLASTDYESF
ESHMEPYVAAVKAATPLPVVLHFPPRPGAGFPVVRGADALLLPALLGSGDDYFVWKSFLETLAAFPGRIPREEWPELLLT
VALTFGEDPRTGDLLGTVPVSTASTEEIDRYLHVARAFGFHMVYLYSRNEHVPPEVVRHFRKGLGPDQVLFVSGNVRSGR
QVTEYLDSGADYVGFAGALEQPDWRSALAEIAGRRPAAPARPGSGR
;
_entity_poly.pdbx_strand_id   A,B
#
# COMPACT_ATOMS: atom_id res chain seq x y z
N ALA A 21 -11.30 17.41 -9.54
CA ALA A 21 -10.24 16.69 -8.74
C ALA A 21 -10.23 15.28 -9.28
N PRO A 22 -9.09 14.81 -9.84
CA PRO A 22 -8.99 13.47 -10.40
C PRO A 22 -9.26 12.36 -9.39
N PRO A 23 -10.08 11.35 -9.76
CA PRO A 23 -10.37 10.26 -8.82
C PRO A 23 -9.06 9.55 -8.41
N LEU A 24 -8.08 9.54 -9.30
CA LEU A 24 -6.78 8.86 -9.09
C LEU A 24 -6.98 7.45 -8.61
N TRP A 25 -6.62 7.17 -7.35
CA TRP A 25 -6.75 5.83 -6.76
C TRP A 25 -8.18 5.44 -6.41
N ARG A 26 -9.12 6.39 -6.46
CA ARG A 26 -10.52 6.09 -6.17
C ARG A 26 -11.20 5.60 -7.45
N PRO A 27 -12.26 4.78 -7.34
CA PRO A 27 -12.96 4.28 -8.53
C PRO A 27 -13.47 5.43 -9.38
N GLY A 28 -13.27 5.30 -10.69
CA GLY A 28 -13.75 6.33 -11.61
C GLY A 28 -14.49 5.71 -12.78
N ARG A 29 -14.47 6.39 -13.92
CA ARG A 29 -15.22 5.91 -15.07
C ARG A 29 -14.73 4.63 -15.70
N VAL A 30 -13.41 4.46 -15.72
CA VAL A 30 -12.90 3.26 -16.36
C VAL A 30 -13.24 2.03 -15.55
N LEU A 31 -13.03 2.09 -14.25
CA LEU A 31 -13.37 0.93 -13.44
C LEU A 31 -14.86 0.61 -13.51
N ALA A 32 -15.69 1.66 -13.57
CA ALA A 32 -17.13 1.45 -13.64
C ALA A 32 -17.46 0.68 -14.91
N ARG A 33 -16.81 1.09 -15.99
CA ARG A 33 -17.04 0.41 -17.26
C ARG A 33 -16.56 -1.04 -17.17
N LEU A 34 -15.38 -1.29 -16.62
CA LEU A 34 -14.94 -2.68 -16.51
C LEU A 34 -15.84 -3.53 -15.62
N ARG A 35 -16.44 -2.91 -14.60
CA ARG A 35 -17.32 -3.65 -13.72
C ARG A 35 -18.64 -3.99 -14.38
N GLU A 36 -19.15 -3.09 -15.19
CA GLU A 36 -20.46 -3.27 -15.85
C GLU A 36 -20.44 -3.99 -17.20
N HIS A 37 -19.36 -3.85 -17.96
CA HIS A 37 -19.27 -4.46 -19.30
C HIS A 37 -19.34 -5.98 -19.32
N GLN A 38 -19.96 -6.52 -20.37
CA GLN A 38 -20.05 -7.95 -20.53
C GLN A 38 -18.62 -8.54 -20.56
N PRO A 39 -18.42 -9.67 -19.90
CA PRO A 39 -17.08 -10.28 -19.90
C PRO A 39 -16.64 -10.65 -21.31
N GLY A 40 -15.35 -10.64 -21.54
CA GLY A 40 -14.93 -11.03 -22.87
C GLY A 40 -13.44 -10.90 -23.03
N PRO A 41 -12.98 -11.06 -24.27
CA PRO A 41 -11.55 -10.94 -24.56
C PRO A 41 -11.22 -9.44 -24.57
N VAL A 42 -9.92 -9.19 -24.37
CA VAL A 42 -9.37 -7.85 -24.44
C VAL A 42 -8.05 -7.97 -25.16
N HIS A 43 -7.90 -7.27 -26.28
CA HIS A 43 -6.60 -7.28 -26.97
C HIS A 43 -5.63 -6.29 -26.32
N ILE A 44 -4.39 -6.76 -26.15
CA ILE A 44 -3.35 -5.97 -25.56
C ILE A 44 -2.32 -5.69 -26.69
N ILE A 45 -2.16 -4.40 -26.94
CA ILE A 45 -1.24 -3.93 -27.96
C ILE A 45 0.06 -3.52 -27.29
N ASP A 46 1.19 -4.10 -27.75
CA ASP A 46 2.49 -3.70 -27.17
C ASP A 46 2.95 -2.51 -27.97
N PRO A 47 2.85 -1.28 -27.42
CA PRO A 47 3.23 -0.08 -28.18
C PRO A 47 4.66 0.13 -28.52
N PHE A 48 5.52 -0.67 -27.91
CA PHE A 48 6.93 -0.58 -28.21
C PHE A 48 7.34 -1.62 -29.26
N LYS A 49 6.39 -2.39 -29.77
CA LYS A 49 6.66 -3.42 -30.78
C LYS A 49 5.73 -3.25 -31.95
N VAL A 50 4.52 -2.74 -31.68
CA VAL A 50 3.51 -2.65 -32.77
C VAL A 50 3.54 -1.25 -33.36
N PRO A 51 3.76 -1.13 -34.69
CA PRO A 51 3.79 0.22 -35.27
C PRO A 51 2.44 0.89 -35.03
N VAL A 52 2.45 2.20 -34.82
CA VAL A 52 1.23 2.91 -34.51
C VAL A 52 0.17 2.77 -35.59
N THR A 53 0.56 2.69 -36.86
CA THR A 53 -0.46 2.55 -37.91
C THR A 53 -1.20 1.26 -37.78
N GLU A 54 -0.48 0.23 -37.35
CA GLU A 54 -1.09 -1.05 -37.15
C GLU A 54 -1.96 -1.01 -35.91
N ALA A 55 -1.52 -0.31 -34.88
CA ALA A 55 -2.36 -0.22 -33.67
C ALA A 55 -3.69 0.46 -33.99
N VAL A 56 -3.64 1.49 -34.82
CA VAL A 56 -4.85 2.22 -35.19
C VAL A 56 -5.80 1.33 -35.98
N GLU A 57 -5.26 0.47 -36.86
CA GLU A 57 -6.12 -0.43 -37.63
C GLU A 57 -6.80 -1.42 -36.67
N LYS A 58 -5.96 -1.96 -35.78
CA LYS A 58 -6.45 -2.89 -34.80
C LYS A 58 -7.51 -2.21 -33.94
N ALA A 59 -7.23 -1.02 -33.43
CA ALA A 59 -8.20 -0.35 -32.53
C ALA A 59 -9.59 -0.22 -33.17
N ALA A 60 -9.61 0.03 -34.47
CA ALA A 60 -10.90 0.15 -35.15
C ALA A 60 -11.69 -1.18 -35.12
N GLU A 61 -10.99 -2.31 -35.22
CA GLU A 61 -11.65 -3.60 -35.17
C GLU A 61 -12.11 -3.93 -33.75
N LEU A 62 -11.27 -3.57 -32.77
CA LEU A 62 -11.62 -3.86 -31.36
C LEU A 62 -12.91 -3.13 -31.02
N THR A 63 -13.12 -1.95 -31.61
CA THR A 63 -14.30 -1.18 -31.35
C THR A 63 -15.51 -1.96 -31.87
N ARG A 64 -15.41 -2.43 -33.11
CA ARG A 64 -16.49 -3.20 -33.72
C ARG A 64 -16.84 -4.43 -32.94
N LEU A 65 -15.83 -5.07 -32.32
CA LEU A 65 -16.06 -6.27 -31.50
C LEU A 65 -16.64 -5.91 -30.12
N GLY A 66 -16.68 -4.63 -29.81
CA GLY A 66 -17.26 -4.20 -28.54
C GLY A 66 -16.43 -4.60 -27.31
N PHE A 67 -15.11 -4.70 -27.46
CA PHE A 67 -14.26 -5.06 -26.28
C PHE A 67 -14.38 -3.94 -25.24
N ALA A 68 -14.11 -4.27 -23.96
CA ALA A 68 -14.29 -3.29 -22.88
C ALA A 68 -13.29 -2.12 -22.86
N ALA A 69 -12.06 -2.37 -23.32
CA ALA A 69 -11.02 -1.35 -23.34
C ALA A 69 -9.89 -1.80 -24.27
N VAL A 70 -8.98 -0.88 -24.56
CA VAL A 70 -7.80 -1.23 -25.33
C VAL A 70 -6.67 -1.12 -24.33
N LEU A 71 -5.92 -2.19 -24.11
CA LEU A 71 -4.79 -2.09 -23.17
C LEU A 71 -3.52 -1.90 -23.98
N LEU A 72 -2.65 -0.97 -23.56
CA LEU A 72 -1.33 -0.82 -24.20
C LEU A 72 -0.36 -1.30 -23.10
N ALA A 73 0.40 -2.37 -23.36
CA ALA A 73 1.25 -2.92 -22.29
C ALA A 73 2.51 -3.56 -22.79
N SER A 74 3.57 -3.52 -21.96
CA SER A 74 4.79 -4.15 -22.38
C SER A 74 5.66 -4.27 -21.16
N THR A 75 6.51 -5.29 -21.13
CA THR A 75 7.45 -5.44 -20.02
C THR A 75 8.59 -4.43 -20.22
N ASP A 76 9.01 -4.28 -21.47
CA ASP A 76 10.09 -3.36 -21.83
C ASP A 76 9.59 -2.02 -22.35
N TYR A 77 10.30 -0.95 -22.01
CA TYR A 77 10.02 0.38 -22.57
C TYR A 77 11.19 1.33 -22.43
N GLU A 78 11.26 2.33 -23.29
CA GLU A 78 12.27 3.38 -23.17
C GLU A 78 11.70 4.64 -23.80
N SER A 79 12.15 5.81 -23.33
CA SER A 79 11.67 7.09 -23.83
C SER A 79 10.17 7.07 -23.79
N PHE A 80 9.64 6.61 -22.64
CA PHE A 80 8.20 6.46 -22.53
C PHE A 80 7.36 7.65 -22.92
N GLU A 81 7.68 8.81 -22.36
CA GLU A 81 6.84 9.94 -22.66
C GLU A 81 6.81 10.44 -24.09
N SER A 82 7.97 10.59 -24.73
CA SER A 82 7.93 11.05 -26.11
C SER A 82 7.33 10.00 -27.01
N HIS A 83 7.53 8.73 -26.70
CA HIS A 83 6.91 7.70 -27.57
C HIS A 83 5.40 7.55 -27.36
N MET A 84 4.99 7.51 -26.08
CA MET A 84 3.60 7.22 -25.76
C MET A 84 2.59 8.31 -25.86
N GLU A 85 3.00 9.56 -25.70
CA GLU A 85 2.00 10.62 -25.80
C GLU A 85 1.31 10.59 -27.17
N PRO A 86 2.09 10.60 -28.25
CA PRO A 86 1.40 10.56 -29.56
C PRO A 86 0.79 9.21 -29.89
N TYR A 87 1.36 8.13 -29.37
CA TYR A 87 0.79 6.80 -29.65
C TYR A 87 -0.61 6.72 -29.02
N VAL A 88 -0.70 7.13 -27.75
CA VAL A 88 -1.99 7.13 -27.08
C VAL A 88 -2.97 8.04 -27.82
N ALA A 89 -2.50 9.21 -28.25
CA ALA A 89 -3.40 10.11 -28.99
C ALA A 89 -3.91 9.46 -30.27
N ALA A 90 -3.04 8.72 -30.99
CA ALA A 90 -3.45 8.09 -32.24
C ALA A 90 -4.48 6.99 -31.99
N VAL A 91 -4.25 6.18 -30.97
CA VAL A 91 -5.19 5.11 -30.67
C VAL A 91 -6.54 5.75 -30.22
N LYS A 92 -6.48 6.73 -29.32
CA LYS A 92 -7.72 7.38 -28.85
C LYS A 92 -8.51 8.02 -30.01
N ALA A 93 -7.83 8.54 -31.03
CA ALA A 93 -8.60 9.11 -32.16
C ALA A 93 -9.26 8.01 -32.99
N ALA A 94 -8.86 6.76 -32.83
CA ALA A 94 -9.39 5.63 -33.60
C ALA A 94 -10.44 4.77 -32.91
N THR A 95 -10.62 5.00 -31.63
CA THR A 95 -11.61 4.24 -30.87
C THR A 95 -12.13 5.01 -29.68
N PRO A 96 -13.41 4.78 -29.33
CA PRO A 96 -13.97 5.47 -28.16
C PRO A 96 -13.73 4.60 -26.89
N LEU A 97 -13.13 3.42 -27.06
CA LEU A 97 -12.89 2.55 -25.88
C LEU A 97 -11.81 3.20 -25.01
N PRO A 98 -11.86 2.99 -23.68
CA PRO A 98 -10.81 3.63 -22.87
C PRO A 98 -9.48 2.96 -23.18
N VAL A 99 -8.41 3.75 -23.08
CA VAL A 99 -7.05 3.25 -23.36
C VAL A 99 -6.39 3.12 -21.99
N VAL A 100 -5.96 1.92 -21.65
CA VAL A 100 -5.41 1.67 -20.34
C VAL A 100 -3.98 1.25 -20.49
N LEU A 101 -3.07 1.84 -19.71
CA LEU A 101 -1.64 1.50 -19.79
C LEU A 101 -1.31 0.47 -18.72
N HIS A 102 -0.39 -0.44 -19.02
CA HIS A 102 0.03 -1.43 -18.02
C HIS A 102 1.49 -1.74 -18.28
N PHE A 103 2.37 -1.23 -17.40
CA PHE A 103 3.82 -1.42 -17.58
C PHE A 103 4.42 -1.53 -16.16
N PRO A 104 5.59 -2.15 -16.04
CA PRO A 104 6.19 -2.26 -14.70
C PRO A 104 6.78 -0.93 -14.27
N PRO A 105 6.93 -0.74 -12.95
CA PRO A 105 7.49 0.50 -12.43
C PRO A 105 8.99 0.42 -12.34
N ARG A 106 9.65 1.57 -12.18
CA ARG A 106 11.13 1.53 -12.01
C ARG A 106 11.50 2.37 -10.80
N PRO A 107 12.33 1.82 -9.90
CA PRO A 107 12.69 2.63 -8.73
C PRO A 107 13.27 3.98 -9.16
N GLY A 108 12.84 5.05 -8.47
CA GLY A 108 13.30 6.37 -8.83
C GLY A 108 12.28 7.10 -9.69
N ALA A 109 11.37 6.34 -10.31
CA ALA A 109 10.35 6.96 -11.14
C ALA A 109 8.94 6.52 -10.79
N GLY A 110 8.77 5.26 -10.41
CA GLY A 110 7.43 4.75 -10.15
C GLY A 110 6.90 4.20 -11.47
N PHE A 111 5.58 4.22 -11.63
CA PHE A 111 4.99 3.74 -12.88
C PHE A 111 5.07 4.85 -13.92
N PRO A 112 5.20 4.46 -15.19
CA PRO A 112 5.30 5.47 -16.25
C PRO A 112 3.91 5.99 -16.55
N VAL A 113 3.85 7.26 -16.94
CA VAL A 113 2.52 7.84 -17.21
C VAL A 113 2.60 8.86 -18.33
N VAL A 114 1.52 9.00 -19.12
CA VAL A 114 1.48 10.07 -20.12
C VAL A 114 0.07 10.64 -20.14
N ARG A 115 -0.03 11.90 -20.52
CA ARG A 115 -1.33 12.55 -20.59
C ARG A 115 -2.10 11.88 -21.71
N GLY A 116 -3.40 11.84 -21.56
CA GLY A 116 -4.26 11.25 -22.55
C GLY A 116 -4.74 9.85 -22.22
N ALA A 117 -3.95 9.06 -21.49
CA ALA A 117 -4.40 7.72 -21.15
C ALA A 117 -5.60 7.83 -20.24
N ASP A 118 -6.58 6.93 -20.42
CA ASP A 118 -7.75 6.94 -19.57
C ASP A 118 -7.44 6.36 -18.18
N ALA A 119 -6.62 5.32 -18.15
CA ALA A 119 -6.26 4.74 -16.84
C ALA A 119 -4.93 4.06 -16.90
N LEU A 120 -4.31 3.84 -15.74
CA LEU A 120 -3.06 3.11 -15.66
C LEU A 120 -3.46 1.95 -14.76
N LEU A 121 -3.05 0.74 -15.14
CA LEU A 121 -3.32 -0.41 -14.32
C LEU A 121 -2.04 -0.43 -13.41
N LEU A 122 -2.19 -0.41 -12.07
CA LEU A 122 -1.05 -0.44 -11.14
C LEU A 122 -0.96 -1.84 -10.53
N PRO A 123 0.02 -2.64 -10.97
CA PRO A 123 0.16 -3.99 -10.44
C PRO A 123 0.96 -4.03 -9.14
N ALA A 124 0.35 -4.63 -8.10
CA ALA A 124 1.03 -4.86 -6.82
C ALA A 124 1.41 -6.36 -6.98
N LEU A 125 2.71 -6.63 -7.13
CA LEU A 125 3.17 -7.99 -7.36
C LEU A 125 3.35 -8.68 -6.01
N LEU A 126 2.28 -9.22 -5.50
CA LEU A 126 2.35 -9.80 -4.13
C LEU A 126 3.28 -10.99 -3.99
N GLY A 127 3.60 -11.62 -5.12
CA GLY A 127 4.53 -12.74 -5.11
C GLY A 127 6.01 -12.33 -5.28
N SER A 128 6.33 -11.02 -5.29
CA SER A 128 7.68 -10.57 -5.43
C SER A 128 8.47 -10.57 -4.12
N GLY A 129 9.73 -10.98 -4.22
CA GLY A 129 10.58 -10.91 -3.05
C GLY A 129 11.14 -9.50 -2.88
N ASP A 130 10.72 -8.54 -3.69
CA ASP A 130 11.24 -7.19 -3.60
C ASP A 130 10.05 -6.33 -3.19
N ASP A 131 10.13 -5.74 -1.99
CA ASP A 131 8.97 -4.91 -1.57
C ASP A 131 8.61 -3.70 -2.42
N TYR A 132 9.54 -3.24 -3.28
CA TYR A 132 9.24 -2.14 -4.15
C TYR A 132 8.19 -2.61 -5.15
N PHE A 133 8.38 -3.81 -5.66
CA PHE A 133 7.41 -4.35 -6.64
C PHE A 133 6.15 -4.88 -5.99
N VAL A 134 6.25 -5.30 -4.72
CA VAL A 134 5.04 -5.73 -4.03
C VAL A 134 4.07 -4.49 -3.95
N TRP A 135 4.58 -3.34 -3.56
CA TRP A 135 3.70 -2.15 -3.45
C TRP A 135 4.41 -0.80 -3.28
N LYS A 136 5.70 -0.73 -2.94
CA LYS A 136 6.26 0.62 -2.75
C LYS A 136 6.29 1.48 -4.01
N SER A 137 6.23 0.81 -5.15
CA SER A 137 6.13 1.53 -6.42
C SER A 137 4.89 2.43 -6.39
N PHE A 138 3.87 1.99 -5.68
CA PHE A 138 2.64 2.79 -5.61
C PHE A 138 2.88 4.08 -4.83
N LEU A 139 3.68 4.00 -3.75
CA LEU A 139 3.97 5.18 -2.97
C LEU A 139 4.83 6.16 -3.79
N GLU A 140 5.79 5.62 -4.55
CA GLU A 140 6.64 6.48 -5.36
C GLU A 140 5.81 7.18 -6.44
N THR A 141 4.88 6.43 -7.01
CA THR A 141 4.04 6.96 -8.09
C THR A 141 3.17 8.06 -7.55
N LEU A 142 2.50 7.79 -6.45
CA LEU A 142 1.64 8.86 -5.89
C LEU A 142 2.40 10.06 -5.34
N ALA A 143 3.58 9.84 -4.78
CA ALA A 143 4.39 10.94 -4.32
C ALA A 143 4.73 11.82 -5.53
N ALA A 144 5.01 11.22 -6.67
CA ALA A 144 5.40 12.03 -7.85
C ALA A 144 4.25 12.77 -8.53
N PHE A 145 3.03 12.41 -8.22
CA PHE A 145 1.84 13.04 -8.79
C PHE A 145 1.78 14.51 -8.38
N PRO A 146 1.38 15.42 -9.27
CA PRO A 146 0.96 15.27 -10.66
C PRO A 146 2.07 15.45 -11.68
N GLY A 147 3.25 15.84 -11.21
CA GLY A 147 4.37 16.01 -12.14
C GLY A 147 4.03 16.98 -13.26
N ARG A 148 4.43 16.67 -14.49
CA ARG A 148 4.19 17.54 -15.66
C ARG A 148 2.80 17.44 -16.33
N ILE A 149 1.93 16.58 -15.82
CA ILE A 149 0.61 16.43 -16.39
C ILE A 149 -0.45 17.21 -15.59
N PRO A 150 -1.26 18.05 -16.26
CA PRO A 150 -2.26 18.80 -15.49
C PRO A 150 -3.14 17.83 -14.67
N ARG A 151 -3.36 18.16 -13.40
CA ARG A 151 -4.13 17.30 -12.50
C ARG A 151 -5.46 16.82 -13.07
N GLU A 152 -6.17 17.73 -13.70
CA GLU A 152 -7.48 17.44 -14.29
C GLU A 152 -7.39 16.39 -15.41
N GLU A 153 -6.23 16.32 -16.05
CA GLU A 153 -5.94 15.41 -17.18
C GLU A 153 -5.26 14.07 -16.79
N TRP A 154 -5.03 13.84 -15.50
CA TRP A 154 -4.37 12.59 -15.13
C TRP A 154 -5.26 11.38 -15.37
N PRO A 155 -4.64 10.22 -15.62
CA PRO A 155 -5.42 9.00 -15.82
C PRO A 155 -5.91 8.54 -14.47
N GLU A 156 -6.89 7.66 -14.51
CA GLU A 156 -7.44 7.03 -13.30
C GLU A 156 -6.49 5.89 -12.99
N LEU A 157 -6.44 5.48 -11.74
CA LEU A 157 -5.54 4.35 -11.35
C LEU A 157 -6.34 3.12 -10.98
N LEU A 158 -6.04 1.95 -11.59
CA LEU A 158 -6.78 0.74 -11.25
C LEU A 158 -5.83 -0.08 -10.37
N LEU A 159 -6.13 -0.15 -9.07
CA LEU A 159 -5.27 -0.86 -8.11
C LEU A 159 -5.47 -2.35 -8.35
N THR A 160 -4.38 -3.03 -8.67
CA THR A 160 -4.53 -4.42 -9.08
C THR A 160 -3.54 -5.33 -8.42
N VAL A 161 -3.99 -6.50 -7.99
CA VAL A 161 -3.08 -7.54 -7.43
C VAL A 161 -2.62 -8.32 -8.67
N ALA A 162 -1.30 -8.42 -8.90
CA ALA A 162 -0.76 -9.07 -10.09
C ALA A 162 0.05 -10.26 -9.65
N LEU A 163 -0.29 -11.42 -10.21
CA LEU A 163 0.29 -12.70 -9.83
C LEU A 163 0.82 -13.42 -11.08
N THR A 164 1.94 -14.12 -10.93
CA THR A 164 2.55 -14.77 -12.06
C THR A 164 2.56 -16.27 -11.87
N PHE A 165 2.35 -16.98 -12.99
CA PHE A 165 2.28 -18.44 -12.92
C PHE A 165 3.22 -19.10 -13.94
N GLY A 166 3.77 -20.24 -13.55
CA GLY A 166 4.74 -20.94 -14.38
C GLY A 166 6.15 -20.36 -14.33
N GLU A 167 7.13 -21.15 -14.76
CA GLU A 167 8.52 -20.69 -14.80
C GLU A 167 8.57 -19.40 -15.65
N ASP A 168 9.24 -18.36 -15.13
CA ASP A 168 9.27 -17.08 -15.85
C ASP A 168 10.48 -16.33 -15.33
N PRO A 169 11.66 -16.69 -15.83
CA PRO A 169 12.83 -15.98 -15.33
C PRO A 169 12.93 -14.53 -15.72
N ARG A 170 12.26 -14.14 -16.81
CA ARG A 170 12.29 -12.75 -17.25
C ARG A 170 11.59 -11.88 -16.19
N THR A 171 10.34 -12.22 -15.81
CA THR A 171 9.70 -11.39 -14.82
C THR A 171 10.40 -11.59 -13.49
N GLY A 172 10.90 -12.80 -13.25
CA GLY A 172 11.61 -13.02 -11.99
C GLY A 172 12.88 -12.14 -11.83
N ASP A 173 13.67 -12.06 -12.89
CA ASP A 173 14.90 -11.28 -12.86
C ASP A 173 14.59 -9.79 -12.77
N LEU A 174 13.53 -9.38 -13.45
CA LEU A 174 13.20 -7.97 -13.50
C LEU A 174 12.45 -7.40 -12.30
N LEU A 175 11.47 -8.18 -11.84
CA LEU A 175 10.57 -7.73 -10.77
C LEU A 175 10.60 -8.52 -9.49
N GLY A 176 11.43 -9.58 -9.42
CA GLY A 176 11.55 -10.35 -8.19
C GLY A 176 10.47 -11.38 -7.95
N THR A 177 9.58 -11.58 -8.92
CA THR A 177 8.48 -12.52 -8.76
C THR A 177 8.93 -13.96 -8.68
N VAL A 178 8.18 -14.74 -7.89
CA VAL A 178 8.35 -16.19 -7.81
C VAL A 178 7.00 -16.74 -8.28
N PRO A 179 7.01 -17.79 -9.12
CA PRO A 179 5.76 -18.38 -9.62
C PRO A 179 4.88 -18.75 -8.42
N VAL A 180 3.59 -18.46 -8.52
CA VAL A 180 2.66 -18.80 -7.44
C VAL A 180 2.56 -20.31 -7.39
N SER A 181 2.62 -20.90 -6.20
CA SER A 181 2.46 -22.35 -6.05
C SER A 181 1.03 -22.74 -5.78
N THR A 182 0.48 -23.64 -6.59
CA THR A 182 -0.86 -24.09 -6.41
C THR A 182 -0.92 -25.52 -5.91
N ALA A 183 0.14 -25.98 -5.23
CA ALA A 183 0.15 -27.34 -4.66
C ALA A 183 -0.87 -27.40 -3.52
N SER A 184 -1.17 -26.24 -2.93
CA SER A 184 -2.23 -26.12 -1.91
C SER A 184 -2.80 -24.73 -2.26
N THR A 185 -3.87 -24.29 -1.57
CA THR A 185 -4.38 -22.95 -1.90
C THR A 185 -3.92 -21.96 -0.86
N GLU A 186 -2.96 -22.36 -0.02
CA GLU A 186 -2.53 -21.46 1.05
C GLU A 186 -1.98 -20.12 0.51
N GLU A 187 -1.10 -20.19 -0.49
CA GLU A 187 -0.49 -18.98 -1.01
C GLU A 187 -1.59 -18.09 -1.63
N ILE A 188 -2.37 -18.61 -2.58
CA ILE A 188 -3.40 -17.74 -3.15
C ILE A 188 -4.47 -17.30 -2.14
N ASP A 189 -4.72 -18.11 -1.10
CA ASP A 189 -5.73 -17.70 -0.12
C ASP A 189 -5.23 -16.47 0.61
N ARG A 190 -3.92 -16.40 0.84
CA ARG A 190 -3.41 -15.20 1.48
C ARG A 190 -3.55 -14.03 0.53
N TYR A 191 -3.26 -14.23 -0.76
CA TYR A 191 -3.43 -13.07 -1.69
C TYR A 191 -4.88 -12.64 -1.78
N LEU A 192 -5.81 -13.59 -1.66
CA LEU A 192 -7.24 -13.23 -1.73
C LEU A 192 -7.62 -12.43 -0.48
N HIS A 193 -7.07 -12.76 0.69
CA HIS A 193 -7.40 -11.99 1.91
C HIS A 193 -6.92 -10.54 1.69
N VAL A 194 -5.74 -10.38 1.10
CA VAL A 194 -5.22 -9.01 0.82
C VAL A 194 -6.09 -8.32 -0.21
N ALA A 195 -6.43 -9.03 -1.28
CA ALA A 195 -7.25 -8.40 -2.34
C ALA A 195 -8.54 -7.84 -1.76
N ARG A 196 -9.19 -8.60 -0.90
CA ARG A 196 -10.46 -8.20 -0.28
C ARG A 196 -10.29 -7.10 0.77
N ALA A 197 -9.43 -7.34 1.74
CA ALA A 197 -9.23 -6.38 2.84
C ALA A 197 -8.64 -5.06 2.38
N PHE A 198 -7.70 -5.11 1.45
CA PHE A 198 -7.11 -3.88 0.92
C PHE A 198 -8.00 -3.18 -0.14
N GLY A 199 -9.11 -3.80 -0.50
CA GLY A 199 -10.00 -3.16 -1.45
C GLY A 199 -9.39 -3.01 -2.81
N PHE A 200 -8.60 -3.98 -3.25
CA PHE A 200 -8.12 -3.87 -4.61
C PHE A 200 -9.27 -3.86 -5.63
N HIS A 201 -9.02 -3.17 -6.76
CA HIS A 201 -10.01 -3.06 -7.82
C HIS A 201 -10.02 -4.28 -8.70
N MET A 202 -8.85 -4.87 -8.94
CA MET A 202 -8.76 -5.96 -9.91
C MET A 202 -7.66 -6.89 -9.48
N VAL A 203 -7.71 -8.08 -10.06
CA VAL A 203 -6.66 -9.10 -9.86
C VAL A 203 -6.28 -9.46 -11.29
N TYR A 204 -4.98 -9.62 -11.55
CA TYR A 204 -4.52 -9.92 -12.89
C TYR A 204 -3.69 -11.20 -12.70
N LEU A 205 -4.10 -12.31 -13.33
CA LEU A 205 -3.41 -13.61 -13.25
C LEU A 205 -2.69 -13.75 -14.56
N TYR A 206 -1.37 -13.93 -14.47
CA TYR A 206 -0.60 -13.87 -15.74
C TYR A 206 0.35 -15.04 -15.85
N SER A 207 0.57 -15.53 -17.06
CA SER A 207 1.60 -16.59 -17.25
C SER A 207 2.40 -16.19 -18.52
N ARG A 208 3.68 -15.86 -18.36
CA ARG A 208 4.44 -15.49 -19.55
C ARG A 208 4.68 -16.68 -20.50
N ASN A 209 5.06 -17.81 -19.94
CA ASN A 209 5.42 -19.00 -20.71
C ASN A 209 4.52 -20.21 -20.65
N GLU A 210 3.52 -20.20 -19.76
CA GLU A 210 2.62 -21.33 -19.63
C GLU A 210 1.15 -20.82 -19.69
N HIS A 211 0.21 -21.52 -19.06
CA HIS A 211 -1.15 -20.98 -19.04
C HIS A 211 -1.63 -20.91 -17.57
N VAL A 212 -2.29 -19.85 -17.20
CA VAL A 212 -2.85 -19.85 -15.83
C VAL A 212 -3.87 -21.00 -15.80
N PRO A 213 -3.88 -21.83 -14.76
CA PRO A 213 -4.86 -22.94 -14.73
C PRO A 213 -6.31 -22.43 -14.55
N PRO A 214 -7.26 -22.92 -15.35
CA PRO A 214 -8.65 -22.47 -15.19
C PRO A 214 -9.13 -22.70 -13.76
N GLU A 215 -8.65 -23.75 -13.10
CA GLU A 215 -9.10 -23.95 -11.73
C GLU A 215 -8.69 -22.79 -10.78
N VAL A 216 -7.54 -22.17 -11.05
CA VAL A 216 -7.04 -21.05 -10.21
C VAL A 216 -7.97 -19.88 -10.52
N VAL A 217 -8.32 -19.72 -11.79
CA VAL A 217 -9.27 -18.64 -12.10
C VAL A 217 -10.56 -18.83 -11.31
N ARG A 218 -11.09 -20.07 -11.31
CA ARG A 218 -12.32 -20.30 -10.55
C ARG A 218 -12.13 -19.96 -9.06
N HIS A 219 -11.00 -20.38 -8.48
CA HIS A 219 -10.75 -20.12 -7.06
C HIS A 219 -10.75 -18.64 -6.77
N PHE A 220 -10.11 -17.86 -7.64
CA PHE A 220 -10.14 -16.42 -7.45
C PHE A 220 -11.51 -15.80 -7.60
N ARG A 221 -12.28 -16.22 -8.63
CA ARG A 221 -13.62 -15.65 -8.81
C ARG A 221 -14.47 -15.90 -7.55
N LYS A 222 -14.35 -17.10 -7.01
CA LYS A 222 -15.11 -17.45 -5.82
C LYS A 222 -14.72 -16.71 -4.57
N GLY A 223 -13.45 -16.38 -4.47
CA GLY A 223 -12.97 -15.65 -3.30
C GLY A 223 -13.01 -14.13 -3.39
N LEU A 224 -13.25 -13.57 -4.57
CA LEU A 224 -13.27 -12.14 -4.72
C LEU A 224 -14.67 -11.55 -4.51
N GLY A 225 -14.70 -10.25 -4.23
CA GLY A 225 -15.98 -9.55 -4.09
C GLY A 225 -16.61 -9.42 -5.46
N PRO A 226 -17.94 -9.24 -5.52
CA PRO A 226 -18.64 -9.13 -6.82
C PRO A 226 -18.17 -8.03 -7.72
N ASP A 227 -17.64 -6.97 -7.14
CA ASP A 227 -17.17 -5.87 -7.94
C ASP A 227 -15.69 -5.86 -8.23
N GLN A 228 -14.96 -6.88 -7.80
CA GLN A 228 -13.54 -6.95 -8.09
C GLN A 228 -13.42 -7.62 -9.45
N VAL A 229 -12.67 -7.00 -10.34
CA VAL A 229 -12.54 -7.45 -11.73
C VAL A 229 -11.41 -8.45 -11.85
N LEU A 230 -11.63 -9.55 -12.57
CA LEU A 230 -10.60 -10.60 -12.67
C LEU A 230 -10.09 -10.67 -14.09
N PHE A 231 -8.80 -10.39 -14.28
CA PHE A 231 -8.22 -10.41 -15.64
C PHE A 231 -7.28 -11.60 -15.72
N VAL A 232 -7.24 -12.31 -16.85
CA VAL A 232 -6.26 -13.43 -16.99
C VAL A 232 -5.58 -13.23 -18.34
N SER A 233 -4.28 -13.44 -18.43
CA SER A 233 -3.63 -13.38 -19.73
C SER A 233 -2.40 -14.28 -19.75
N GLY A 234 -1.95 -14.55 -20.98
CA GLY A 234 -0.79 -15.33 -21.18
C GLY A 234 -1.08 -16.52 -22.08
N ASN A 235 -0.54 -16.40 -23.27
CA ASN A 235 -0.60 -17.47 -24.25
C ASN A 235 -1.97 -17.92 -24.66
N VAL A 236 -2.90 -16.95 -24.71
CA VAL A 236 -4.24 -17.25 -25.14
C VAL A 236 -4.20 -17.06 -26.66
N ARG A 237 -4.51 -18.12 -27.38
CA ARG A 237 -4.46 -18.04 -28.84
C ARG A 237 -5.70 -18.60 -29.56
N SER A 238 -6.70 -19.03 -28.81
CA SER A 238 -7.88 -19.61 -29.44
C SER A 238 -9.13 -19.16 -28.72
N GLY A 239 -10.25 -19.16 -29.44
CA GLY A 239 -11.49 -18.76 -28.82
C GLY A 239 -11.85 -19.79 -27.78
N ARG A 240 -11.42 -21.05 -27.98
CA ARG A 240 -11.77 -22.07 -26.98
C ARG A 240 -11.15 -21.70 -25.61
N GLN A 241 -9.93 -21.20 -25.67
CA GLN A 241 -9.28 -20.79 -24.42
C GLN A 241 -10.03 -19.65 -23.75
N VAL A 242 -10.48 -18.69 -24.54
CA VAL A 242 -11.18 -17.53 -23.98
C VAL A 242 -12.43 -18.02 -23.32
N THR A 243 -13.15 -18.90 -24.04
CA THR A 243 -14.38 -19.41 -23.49
C THR A 243 -14.18 -20.14 -22.16
N GLU A 244 -13.14 -20.94 -22.07
CA GLU A 244 -12.85 -21.74 -20.88
C GLU A 244 -12.58 -20.81 -19.66
N TYR A 245 -11.81 -19.75 -19.89
CA TYR A 245 -11.50 -18.76 -18.84
C TYR A 245 -12.73 -17.97 -18.42
N LEU A 246 -13.53 -17.55 -19.37
CA LEU A 246 -14.74 -16.82 -19.00
C LEU A 246 -15.69 -17.78 -18.24
N ASP A 247 -15.79 -19.02 -18.72
CA ASP A 247 -16.62 -20.02 -18.05
C ASP A 247 -16.14 -20.23 -16.60
N SER A 248 -14.84 -20.06 -16.37
CA SER A 248 -14.21 -20.18 -15.04
C SER A 248 -14.34 -18.95 -14.14
N GLY A 249 -14.89 -17.89 -14.68
CA GLY A 249 -15.08 -16.70 -13.90
C GLY A 249 -14.26 -15.48 -14.27
N ALA A 250 -13.31 -15.56 -15.21
CA ALA A 250 -12.58 -14.35 -15.58
C ALA A 250 -13.55 -13.32 -16.17
N ASP A 251 -13.36 -12.05 -15.84
CA ASP A 251 -14.16 -11.02 -16.45
C ASP A 251 -13.55 -10.68 -17.84
N TYR A 252 -12.21 -10.68 -17.92
CA TYR A 252 -11.53 -10.32 -19.15
C TYR A 252 -10.38 -11.26 -19.41
N VAL A 253 -10.23 -11.63 -20.68
CA VAL A 253 -9.16 -12.55 -21.09
C VAL A 253 -8.27 -11.74 -22.05
N GLY A 254 -7.05 -11.47 -21.62
CA GLY A 254 -6.19 -10.65 -22.46
C GLY A 254 -5.35 -11.48 -23.40
N PHE A 255 -5.04 -10.90 -24.55
CA PHE A 255 -4.19 -11.59 -25.50
C PHE A 255 -3.46 -10.56 -26.35
N ALA A 256 -2.16 -10.80 -26.56
CA ALA A 256 -1.32 -9.87 -27.34
C ALA A 256 -0.66 -10.57 -28.54
N GLY A 257 0.24 -11.50 -28.23
CA GLY A 257 1.04 -12.16 -29.25
C GLY A 257 0.30 -12.79 -30.40
N ALA A 258 -0.88 -13.32 -30.15
CA ALA A 258 -1.63 -13.93 -31.26
C ALA A 258 -1.82 -12.92 -32.42
N LEU A 259 -1.86 -11.62 -32.14
CA LEU A 259 -2.07 -10.68 -33.22
C LEU A 259 -0.80 -10.00 -33.74
N GLU A 260 0.36 -10.43 -33.24
CA GLU A 260 1.61 -9.79 -33.62
C GLU A 260 2.18 -10.52 -34.81
N GLN A 261 1.36 -10.55 -35.86
CA GLN A 261 1.77 -11.21 -37.10
C GLN A 261 0.92 -10.63 -38.22
N PRO A 262 1.33 -10.83 -39.48
CA PRO A 262 0.57 -10.27 -40.62
C PRO A 262 -0.90 -10.62 -40.77
N ASP A 263 -1.24 -11.88 -40.47
CA ASP A 263 -2.58 -12.43 -40.56
C ASP A 263 -3.39 -12.21 -39.28
N TRP A 264 -3.12 -11.11 -38.60
CA TRP A 264 -3.85 -10.84 -37.36
C TRP A 264 -5.36 -10.74 -37.48
N ARG A 265 -5.86 -10.29 -38.63
CA ARG A 265 -7.33 -10.18 -38.76
C ARG A 265 -8.02 -11.57 -38.61
N SER A 266 -7.41 -12.61 -39.17
CA SER A 266 -7.93 -13.97 -39.01
C SER A 266 -7.80 -14.49 -37.59
N ALA A 267 -6.65 -14.22 -36.97
CA ALA A 267 -6.42 -14.66 -35.62
C ALA A 267 -7.44 -13.99 -34.70
N LEU A 268 -7.67 -12.69 -34.90
CA LEU A 268 -8.63 -11.98 -34.07
C LEU A 268 -10.04 -12.55 -34.20
N ALA A 269 -10.44 -12.89 -35.42
CA ALA A 269 -11.78 -13.44 -35.59
C ALA A 269 -11.88 -14.80 -34.91
N GLU A 270 -10.81 -15.60 -34.91
CA GLU A 270 -10.96 -16.89 -34.27
C GLU A 270 -10.97 -16.76 -32.74
N ILE A 271 -10.20 -15.82 -32.22
CA ILE A 271 -10.18 -15.62 -30.78
C ILE A 271 -11.46 -14.96 -30.28
N ALA A 272 -12.01 -14.01 -31.04
CA ALA A 272 -13.24 -13.31 -30.65
C ALA A 272 -14.52 -14.08 -30.92
N GLY A 273 -14.38 -15.30 -31.45
CA GLY A 273 -15.54 -16.13 -31.75
C GLY A 273 -16.09 -16.89 -30.54
N ALA B 21 15.98 15.07 -2.71
CA ALA B 21 14.62 14.46 -2.47
C ALA B 21 14.53 13.87 -1.05
N PRO B 22 13.50 14.27 -0.26
CA PRO B 22 13.35 13.73 1.10
C PRO B 22 13.16 12.22 0.99
N PRO B 23 13.64 11.44 1.98
CA PRO B 23 13.47 9.99 1.89
C PRO B 23 11.96 9.62 1.82
N LEU B 24 11.15 10.34 2.59
CA LEU B 24 9.71 10.10 2.60
C LEU B 24 9.47 8.66 3.06
N TRP B 25 8.92 7.81 2.18
CA TRP B 25 8.62 6.43 2.51
C TRP B 25 9.83 5.50 2.58
N ARG B 26 11.00 5.96 2.11
CA ARG B 26 12.23 5.13 2.17
C ARG B 26 12.85 5.30 3.59
N PRO B 27 13.64 4.34 4.07
CA PRO B 27 14.26 4.46 5.41
C PRO B 27 15.12 5.70 5.48
N GLY B 28 15.09 6.38 6.62
CA GLY B 28 15.88 7.57 6.77
C GLY B 28 16.58 7.60 8.12
N ARG B 29 16.89 8.81 8.58
CA ARG B 29 17.58 8.93 9.86
C ARG B 29 16.81 8.46 11.10
N VAL B 30 15.50 8.68 11.14
CA VAL B 30 14.75 8.31 12.35
C VAL B 30 14.64 6.79 12.46
N LEU B 31 14.32 6.11 11.35
CA LEU B 31 14.21 4.68 11.40
C LEU B 31 15.60 4.10 11.76
N ALA B 32 16.67 4.68 11.22
CA ALA B 32 17.99 4.14 11.57
C ALA B 32 18.19 4.27 13.08
N ARG B 33 17.82 5.43 13.63
CA ARG B 33 17.97 5.66 15.06
C ARG B 33 17.17 4.64 15.85
N LEU B 34 15.93 4.42 15.47
CA LEU B 34 15.10 3.41 16.16
C LEU B 34 15.68 2.00 16.03
N ARG B 35 16.28 1.67 14.89
CA ARG B 35 16.84 0.32 14.71
C ARG B 35 18.09 0.06 15.56
N GLU B 36 18.88 1.09 15.74
CA GLU B 36 20.17 1.01 16.44
C GLU B 36 20.11 1.26 17.93
N HIS B 37 19.15 2.06 18.37
CA HIS B 37 19.03 2.38 19.78
C HIS B 37 18.67 1.17 20.63
N GLN B 38 19.17 1.08 21.88
CA GLN B 38 18.76 -0.07 22.66
C GLN B 38 17.27 -0.01 23.01
N PRO B 39 16.61 -1.18 23.15
CA PRO B 39 15.19 -1.26 23.48
C PRO B 39 14.87 -0.53 24.80
N GLY B 40 13.68 0.05 24.87
CA GLY B 40 13.33 0.68 26.13
C GLY B 40 11.96 1.32 26.07
N PRO B 41 11.59 2.06 27.11
CA PRO B 41 10.28 2.76 27.14
C PRO B 41 10.32 3.96 26.28
N VAL B 42 9.13 4.42 25.87
CA VAL B 42 9.04 5.62 25.09
C VAL B 42 7.80 6.32 25.58
N HIS B 43 7.93 7.57 26.05
CA HIS B 43 6.75 8.29 26.50
C HIS B 43 6.05 8.92 25.29
N ILE B 44 4.73 8.82 25.31
CA ILE B 44 3.89 9.38 24.26
C ILE B 44 3.13 10.54 24.88
N ILE B 45 3.36 11.72 24.32
CA ILE B 45 2.68 12.93 24.77
C ILE B 45 1.47 13.13 23.88
N ASP B 46 0.29 13.29 24.49
CA ASP B 46 -0.94 13.55 23.67
C ASP B 46 -0.98 15.06 23.61
N PRO B 47 -0.65 15.66 22.46
CA PRO B 47 -0.61 17.12 22.37
C PRO B 47 -1.92 17.86 22.37
N PHE B 48 -2.98 17.14 22.27
CA PHE B 48 -4.29 17.81 22.31
C PHE B 48 -4.89 17.68 23.69
N LYS B 49 -4.10 17.18 24.65
CA LYS B 49 -4.58 17.07 26.02
C LYS B 49 -3.52 17.68 26.94
N VAL B 50 -2.25 17.59 26.54
CA VAL B 50 -1.15 18.05 27.40
C VAL B 50 -0.76 19.46 27.04
N PRO B 51 -0.79 20.39 28.03
CA PRO B 51 -0.41 21.77 27.66
C PRO B 51 1.04 21.82 27.15
N VAL B 52 1.34 22.69 26.17
CA VAL B 52 2.68 22.72 25.61
C VAL B 52 3.76 22.97 26.70
N THR B 53 3.46 23.77 27.73
CA THR B 53 4.50 23.99 28.74
C THR B 53 4.84 22.73 29.50
N GLU B 54 3.85 21.85 29.68
CA GLU B 54 4.08 20.61 30.39
C GLU B 54 4.83 19.70 29.43
N ALA B 55 4.47 19.74 28.15
CA ALA B 55 5.21 18.90 27.19
C ALA B 55 6.69 19.24 27.17
N VAL B 56 7.00 20.55 27.22
CA VAL B 56 8.38 21.00 27.22
C VAL B 56 9.13 20.51 28.46
N GLU B 57 8.52 20.55 29.62
CA GLU B 57 9.20 20.06 30.84
C GLU B 57 9.44 18.55 30.70
N LYS B 58 8.41 17.89 30.20
CA LYS B 58 8.54 16.43 30.04
C LYS B 58 9.68 16.08 29.09
N ALA B 59 9.69 16.78 27.96
CA ALA B 59 10.70 16.50 26.91
C ALA B 59 12.12 16.59 27.42
N ALA B 60 12.35 17.52 28.33
CA ALA B 60 13.70 17.67 28.90
C ALA B 60 14.06 16.45 29.73
N GLU B 61 13.10 15.85 30.45
CA GLU B 61 13.43 14.68 31.25
C GLU B 61 13.62 13.47 30.39
N LEU B 62 12.81 13.33 29.33
CA LEU B 62 12.93 12.17 28.46
C LEU B 62 14.33 12.06 27.91
N THR B 63 14.92 13.21 27.62
CA THR B 63 16.26 13.26 27.10
C THR B 63 17.25 12.68 28.10
N ARG B 64 17.13 13.10 29.36
CA ARG B 64 18.06 12.62 30.40
C ARG B 64 17.91 11.12 30.68
N LEU B 65 16.71 10.58 30.44
CA LEU B 65 16.41 9.18 30.65
C LEU B 65 16.98 8.28 29.55
N GLY B 66 17.30 8.90 28.42
CA GLY B 66 17.89 8.21 27.28
C GLY B 66 16.85 7.52 26.40
N PHE B 67 15.63 8.05 26.35
CA PHE B 67 14.59 7.41 25.47
C PHE B 67 14.96 7.67 24.02
N ALA B 68 14.50 6.82 23.11
CA ALA B 68 14.93 6.93 21.74
C ALA B 68 14.31 8.05 20.90
N ALA B 69 13.13 8.49 21.29
CA ALA B 69 12.39 9.50 20.53
C ALA B 69 11.28 9.99 21.46
N VAL B 70 10.62 11.05 21.02
CA VAL B 70 9.47 11.58 21.73
C VAL B 70 8.29 11.42 20.75
N LEU B 71 7.24 10.70 21.11
CA LEU B 71 6.11 10.52 20.17
C LEU B 71 5.06 11.53 20.60
N LEU B 72 4.42 12.21 19.65
CA LEU B 72 3.27 13.12 19.94
C LEU B 72 2.13 12.38 19.24
N ALA B 73 1.14 11.92 19.99
CA ALA B 73 0.09 11.08 19.43
C ALA B 73 -1.24 11.24 20.08
N SER B 74 -2.30 11.09 19.29
CA SER B 74 -3.63 11.19 19.87
C SER B 74 -4.62 10.61 18.87
N THR B 75 -5.69 10.01 19.35
CA THR B 75 -6.75 9.50 18.44
C THR B 75 -7.55 10.74 17.94
N ASP B 76 -7.89 11.66 18.85
CA ASP B 76 -8.60 12.91 18.51
C ASP B 76 -7.63 14.06 18.20
N TYR B 77 -8.03 14.94 17.28
CA TYR B 77 -7.31 16.15 16.93
C TYR B 77 -8.22 17.10 16.16
N GLU B 78 -7.94 18.39 16.26
CA GLU B 78 -8.68 19.41 15.54
C GLU B 78 -7.73 20.58 15.39
N SER B 79 -7.86 21.38 14.32
CA SER B 79 -6.96 22.52 14.02
C SER B 79 -5.54 22.04 14.14
N PHE B 80 -5.25 20.89 13.54
CA PHE B 80 -3.94 20.29 13.63
C PHE B 80 -2.76 21.19 13.23
N GLU B 81 -2.85 21.83 12.07
CA GLU B 81 -1.69 22.64 11.71
C GLU B 81 -1.40 23.85 12.59
N SER B 82 -2.43 24.56 13.03
CA SER B 82 -2.20 25.73 13.89
C SER B 82 -1.77 25.32 15.29
N HIS B 83 -2.23 24.18 15.76
CA HIS B 83 -1.80 23.77 17.12
C HIS B 83 -0.42 23.08 17.05
N MET B 84 -0.26 22.17 16.08
CA MET B 84 0.96 21.34 16.04
C MET B 84 2.25 21.92 15.50
N GLU B 85 2.18 22.83 14.54
CA GLU B 85 3.42 23.40 14.05
C GLU B 85 4.21 24.03 15.20
N PRO B 86 3.56 24.89 16.02
CA PRO B 86 4.32 25.49 17.14
C PRO B 86 4.59 24.51 18.29
N TYR B 87 3.67 23.56 18.48
CA TYR B 87 3.86 22.53 19.54
C TYR B 87 5.11 21.73 19.21
N VAL B 88 5.24 21.26 17.96
CA VAL B 88 6.46 20.56 17.55
C VAL B 88 7.71 21.40 17.73
N ALA B 89 7.63 22.68 17.37
CA ALA B 89 8.80 23.54 17.47
C ALA B 89 9.21 23.70 18.93
N ALA B 90 8.21 23.77 19.82
CA ALA B 90 8.51 23.97 21.25
C ALA B 90 9.17 22.73 21.80
N VAL B 91 8.65 21.56 21.43
CA VAL B 91 9.26 20.33 21.92
C VAL B 91 10.65 20.18 21.37
N LYS B 92 10.84 20.41 20.07
CA LYS B 92 12.17 20.25 19.52
C LYS B 92 13.15 21.24 20.14
N ALA B 93 12.68 22.38 20.62
CA ALA B 93 13.62 23.30 21.26
C ALA B 93 14.06 22.77 22.60
N ALA B 94 13.28 21.85 23.16
CA ALA B 94 13.56 21.29 24.48
C ALA B 94 14.28 19.95 24.50
N THR B 95 14.34 19.27 23.35
CA THR B 95 15.03 17.98 23.29
C THR B 95 15.66 17.74 21.94
N PRO B 96 16.80 17.04 21.91
CA PRO B 96 17.46 16.75 20.63
C PRO B 96 16.92 15.41 20.06
N LEU B 97 16.03 14.75 20.81
CA LEU B 97 15.48 13.48 20.36
C LEU B 97 14.53 13.70 19.19
N PRO B 98 14.44 12.71 18.27
CA PRO B 98 13.49 12.89 17.14
C PRO B 98 12.06 12.98 17.64
N VAL B 99 11.26 13.81 17.01
CA VAL B 99 9.86 14.01 17.40
C VAL B 99 9.05 13.33 16.29
N VAL B 100 8.30 12.33 16.67
CA VAL B 100 7.55 11.51 15.74
C VAL B 100 6.06 11.71 15.97
N LEU B 101 5.29 11.95 14.90
CA LEU B 101 3.84 12.15 15.05
C LEU B 101 3.09 10.87 14.76
N HIS B 102 2.02 10.60 15.51
CA HIS B 102 1.23 9.42 15.27
C HIS B 102 -0.24 9.75 15.47
N PHE B 103 -0.99 9.89 14.37
CA PHE B 103 -2.42 10.26 14.43
C PHE B 103 -3.15 9.49 13.32
N PRO B 104 -4.46 9.29 13.47
CA PRO B 104 -5.17 8.55 12.39
C PRO B 104 -5.40 9.51 11.20
N PRO B 105 -5.61 8.94 10.00
CA PRO B 105 -5.82 9.74 8.80
C PRO B 105 -7.32 10.04 8.68
N ARG B 106 -7.66 11.00 7.81
CA ARG B 106 -9.08 11.30 7.57
C ARG B 106 -9.33 11.39 6.08
N PRO B 107 -10.35 10.66 5.57
CA PRO B 107 -10.66 10.72 4.12
C PRO B 107 -10.74 12.17 3.64
N GLY B 108 -10.12 12.49 2.51
CA GLY B 108 -10.15 13.84 2.01
C GLY B 108 -8.87 14.56 2.37
N ALA B 109 -8.12 14.00 3.34
CA ALA B 109 -6.91 14.68 3.74
C ALA B 109 -5.72 13.75 3.88
N GLY B 110 -5.96 12.54 4.30
CA GLY B 110 -4.84 11.64 4.53
C GLY B 110 -4.33 11.89 5.95
N PHE B 111 -3.06 11.57 6.21
CA PHE B 111 -2.57 11.78 7.56
C PHE B 111 -2.22 13.25 7.74
N PRO B 112 -2.35 13.73 8.97
CA PRO B 112 -2.03 15.14 9.26
C PRO B 112 -0.51 15.30 9.33
N VAL B 113 -0.02 16.46 8.89
CA VAL B 113 1.40 16.69 8.88
C VAL B 113 1.71 18.17 9.10
N VAL B 114 2.81 18.44 9.80
CA VAL B 114 3.29 19.83 9.97
C VAL B 114 4.77 19.84 9.72
N ARG B 115 5.24 21.01 9.30
CA ARG B 115 6.65 21.16 9.07
C ARG B 115 7.37 21.04 10.42
N GLY B 116 8.59 20.52 10.39
CA GLY B 116 9.37 20.41 11.61
C GLY B 116 9.40 19.04 12.28
N ALA B 117 8.35 18.24 12.07
CA ALA B 117 8.34 16.88 12.67
C ALA B 117 9.43 16.04 12.04
N ASP B 118 10.15 15.27 12.84
CA ASP B 118 11.18 14.45 12.27
C ASP B 118 10.64 13.28 11.46
N ALA B 119 9.55 12.70 11.93
CA ALA B 119 8.92 11.58 11.22
C ALA B 119 7.43 11.50 11.53
N LEU B 120 6.69 10.82 10.64
CA LEU B 120 5.28 10.55 10.87
C LEU B 120 5.21 9.04 10.90
N LEU B 121 4.54 8.48 11.89
CA LEU B 121 4.33 7.01 11.92
C LEU B 121 3.04 6.85 11.12
N LEU B 122 3.07 6.07 10.04
CA LEU B 122 1.90 5.81 9.20
C LEU B 122 1.35 4.41 9.48
N PRO B 123 0.28 4.33 10.25
CA PRO B 123 -0.33 3.03 10.60
C PRO B 123 -1.23 2.48 9.47
N ALA B 124 -0.92 1.27 9.02
CA ALA B 124 -1.78 0.52 8.06
C ALA B 124 -2.57 -0.41 9.03
N LEU B 125 -3.88 -0.17 9.22
CA LEU B 125 -4.65 -0.93 10.15
C LEU B 125 -5.17 -2.17 9.45
N LEU B 126 -4.35 -3.20 9.46
CA LEU B 126 -4.67 -4.40 8.71
C LEU B 126 -5.90 -5.10 9.19
N GLY B 127 -6.30 -4.81 10.43
CA GLY B 127 -7.46 -5.46 10.97
C GLY B 127 -8.74 -4.66 10.72
N SER B 128 -8.66 -3.58 9.96
CA SER B 128 -9.84 -2.77 9.73
C SER B 128 -10.71 -3.30 8.59
N GLY B 129 -12.02 -3.14 8.76
CA GLY B 129 -12.94 -3.54 7.70
C GLY B 129 -13.11 -2.41 6.66
N ASP B 130 -12.38 -1.31 6.82
CA ASP B 130 -12.48 -0.18 5.90
C ASP B 130 -11.16 -0.06 5.16
N ASP B 131 -11.16 -0.33 3.84
CA ASP B 131 -9.89 -0.26 3.12
C ASP B 131 -9.14 1.06 3.16
N TYR B 132 -9.84 2.15 3.48
CA TYR B 132 -9.13 3.43 3.59
C TYR B 132 -8.17 3.35 4.77
N PHE B 133 -8.61 2.77 5.87
CA PHE B 133 -7.72 2.68 7.04
C PHE B 133 -6.75 1.52 6.95
N VAL B 134 -7.07 0.49 6.16
CA VAL B 134 -6.10 -0.58 5.98
C VAL B 134 -4.87 0.02 5.28
N TRP B 135 -5.08 0.83 4.24
CA TRP B 135 -3.94 1.40 3.53
C TRP B 135 -4.22 2.51 2.53
N LYS B 136 -5.46 2.77 2.10
CA LYS B 136 -5.57 3.81 1.08
C LYS B 136 -5.27 5.23 1.57
N SER B 137 -5.34 5.39 2.88
CA SER B 137 -4.91 6.65 3.49
C SER B 137 -3.45 6.94 3.06
N PHE B 138 -2.62 5.89 2.92
CA PHE B 138 -1.23 6.09 2.48
C PHE B 138 -1.21 6.72 1.07
N LEU B 139 -2.13 6.26 0.20
CA LEU B 139 -2.15 6.78 -1.18
C LEU B 139 -2.63 8.24 -1.20
N GLU B 140 -3.64 8.52 -0.38
CA GLU B 140 -4.13 9.90 -0.35
C GLU B 140 -3.01 10.82 0.21
N THR B 141 -2.30 10.34 1.24
CA THR B 141 -1.22 11.16 1.85
C THR B 141 -0.10 11.45 0.85
N LEU B 142 0.37 10.42 0.15
CA LEU B 142 1.42 10.63 -0.80
C LEU B 142 0.96 11.43 -2.01
N ALA B 143 -0.30 11.27 -2.41
CA ALA B 143 -0.78 12.08 -3.55
C ALA B 143 -0.73 13.56 -3.13
N ALA B 144 -1.11 13.85 -1.90
CA ALA B 144 -1.09 15.25 -1.43
C ALA B 144 0.28 15.87 -1.16
N PHE B 145 1.32 15.03 -1.05
CA PHE B 145 2.68 15.52 -0.82
C PHE B 145 3.14 16.41 -2.01
N PRO B 146 3.87 17.51 -1.75
CA PRO B 146 4.34 18.04 -0.45
C PRO B 146 3.42 19.06 0.16
N GLY B 147 2.36 19.45 -0.57
CA GLY B 147 1.41 20.39 0.00
C GLY B 147 2.10 21.73 0.34
N ARG B 148 1.77 22.33 1.48
CA ARG B 148 2.37 23.60 1.88
C ARG B 148 3.72 23.54 2.61
N ILE B 149 4.23 22.33 2.83
CA ILE B 149 5.52 22.16 3.51
C ILE B 149 6.67 21.99 2.51
N PRO B 150 7.74 22.82 2.63
CA PRO B 150 8.88 22.72 1.70
C PRO B 150 9.32 21.26 1.66
N ARG B 151 9.54 20.73 0.46
CA ARG B 151 9.86 19.31 0.27
C ARG B 151 11.08 18.79 1.04
N GLU B 152 12.12 19.61 1.07
CA GLU B 152 13.34 19.28 1.78
C GLU B 152 13.07 19.14 3.29
N GLU B 153 12.06 19.87 3.78
CA GLU B 153 11.67 19.91 5.19
C GLU B 153 10.59 18.89 5.63
N TRP B 154 10.24 17.96 4.78
CA TRP B 154 9.17 17.02 5.14
C TRP B 154 9.66 15.96 6.12
N PRO B 155 8.77 15.49 6.99
CA PRO B 155 9.19 14.45 7.90
C PRO B 155 9.39 13.12 7.10
N GLU B 156 10.11 12.20 7.69
CA GLU B 156 10.30 10.87 7.13
C GLU B 156 9.04 10.09 7.49
N LEU B 157 8.75 9.03 6.75
CA LEU B 157 7.52 8.26 6.99
C LEU B 157 7.89 6.87 7.45
N LEU B 158 7.41 6.47 8.62
CA LEU B 158 7.72 5.14 9.13
C LEU B 158 6.48 4.28 8.82
N LEU B 159 6.62 3.39 7.83
CA LEU B 159 5.54 2.55 7.39
C LEU B 159 5.31 1.48 8.46
N THR B 160 4.11 1.48 9.02
CA THR B 160 3.86 0.64 10.18
C THR B 160 2.59 -0.20 10.11
N VAL B 161 2.68 -1.48 10.49
CA VAL B 161 1.50 -2.33 10.53
C VAL B 161 0.94 -2.06 11.91
N ALA B 162 -0.32 -1.60 12.01
CA ALA B 162 -0.92 -1.24 13.31
C ALA B 162 -2.07 -2.19 13.60
N LEU B 163 -2.02 -2.79 14.78
CA LEU B 163 -2.97 -3.82 15.17
C LEU B 163 -3.53 -3.53 16.55
N THR B 164 -4.84 -3.76 16.70
CA THR B 164 -5.49 -3.46 17.98
C THR B 164 -5.97 -4.76 18.68
N PHE B 165 -5.90 -4.71 20.01
CA PHE B 165 -6.22 -5.86 20.85
C PHE B 165 -7.24 -5.46 21.91
N GLY B 166 -8.14 -6.39 22.18
CA GLY B 166 -9.17 -6.18 23.17
C GLY B 166 -10.36 -5.38 22.64
N GLU B 167 -11.46 -5.38 23.40
CA GLU B 167 -12.69 -4.64 23.02
C GLU B 167 -12.30 -3.16 22.95
N ASP B 168 -12.72 -2.47 21.87
CA ASP B 168 -12.33 -1.09 21.69
C ASP B 168 -13.27 -0.49 20.69
N PRO B 169 -14.46 -0.16 21.14
CA PRO B 169 -15.44 0.45 20.24
C PRO B 169 -15.09 1.82 19.77
N ARG B 170 -14.21 2.53 20.48
CA ARG B 170 -13.82 3.87 20.04
C ARG B 170 -13.00 3.75 18.75
N THR B 171 -11.98 2.92 18.75
CA THR B 171 -11.20 2.81 17.52
C THR B 171 -12.02 2.07 16.49
N GLY B 172 -12.84 1.14 16.96
CA GLY B 172 -13.71 0.40 16.03
C GLY B 172 -14.68 1.35 15.28
N ASP B 173 -15.30 2.30 15.99
CA ASP B 173 -16.25 3.22 15.35
C ASP B 173 -15.54 4.19 14.44
N LEU B 174 -14.36 4.60 14.85
CA LEU B 174 -13.64 5.61 14.10
C LEU B 174 -12.89 5.10 12.89
N LEU B 175 -12.20 3.98 13.06
CA LEU B 175 -11.33 3.44 12.04
C LEU B 175 -11.70 2.07 11.45
N GLY B 176 -12.78 1.49 11.96
CA GLY B 176 -13.29 0.19 11.50
C GLY B 176 -12.52 -1.04 11.97
N THR B 177 -11.67 -0.89 13.00
CA THR B 177 -10.87 -2.02 13.44
C THR B 177 -11.73 -3.04 14.19
N VAL B 178 -11.29 -4.30 14.17
CA VAL B 178 -11.90 -5.40 14.88
C VAL B 178 -10.75 -5.93 15.73
N PRO B 179 -11.00 -6.26 16.99
CA PRO B 179 -9.86 -6.77 17.78
C PRO B 179 -9.20 -7.96 17.12
N VAL B 180 -7.87 -8.02 17.16
CA VAL B 180 -7.18 -9.16 16.57
C VAL B 180 -7.48 -10.43 17.40
N SER B 181 -7.79 -11.53 16.71
CA SER B 181 -8.06 -12.77 17.47
C SER B 181 -6.75 -13.37 18.01
N THR B 182 -6.75 -13.77 19.25
CA THR B 182 -5.56 -14.36 19.81
C THR B 182 -5.91 -15.83 20.20
N ALA B 183 -7.02 -16.35 19.68
CA ALA B 183 -7.47 -17.74 19.94
C ALA B 183 -6.54 -18.74 19.24
N SER B 184 -5.90 -18.29 18.18
CA SER B 184 -4.96 -19.13 17.43
C SER B 184 -4.07 -18.08 16.77
N THR B 185 -3.05 -18.52 16.03
CA THR B 185 -2.19 -17.55 15.36
C THR B 185 -2.56 -17.35 13.87
N GLU B 186 -3.72 -17.85 13.44
CA GLU B 186 -4.11 -17.72 12.04
C GLU B 186 -4.15 -16.25 11.57
N GLU B 187 -4.75 -15.39 12.37
CA GLU B 187 -4.89 -14.02 11.93
C GLU B 187 -3.55 -13.31 12.01
N ILE B 188 -2.89 -13.39 13.16
CA ILE B 188 -1.61 -12.70 13.26
C ILE B 188 -0.58 -13.23 12.31
N ASP B 189 -0.70 -14.52 11.94
CA ASP B 189 0.32 -15.03 10.98
C ASP B 189 0.10 -14.42 9.61
N ARG B 190 -1.13 -14.11 9.24
CA ARG B 190 -1.30 -13.45 7.94
C ARG B 190 -0.74 -12.05 8.05
N TYR B 191 -0.93 -11.38 9.19
CA TYR B 191 -0.36 -10.02 9.32
C TYR B 191 1.17 -10.06 9.25
N LEU B 192 1.80 -11.10 9.80
CA LEU B 192 3.24 -11.19 9.77
C LEU B 192 3.73 -11.40 8.34
N HIS B 193 3.01 -12.17 7.55
CA HIS B 193 3.43 -12.39 6.17
C HIS B 193 3.37 -11.04 5.47
N VAL B 194 2.32 -10.27 5.72
CA VAL B 194 2.22 -8.97 5.07
C VAL B 194 3.33 -8.06 5.55
N ALA B 195 3.54 -8.02 6.85
CA ALA B 195 4.57 -7.11 7.39
C ALA B 195 5.93 -7.42 6.73
N ARG B 196 6.21 -8.71 6.55
CA ARG B 196 7.49 -9.10 5.94
C ARG B 196 7.56 -8.85 4.43
N ALA B 197 6.60 -9.40 3.70
CA ALA B 197 6.58 -9.26 2.25
C ALA B 197 6.48 -7.81 1.79
N PHE B 198 5.64 -7.02 2.46
CA PHE B 198 5.49 -5.63 2.13
C PHE B 198 6.64 -4.76 2.65
N GLY B 199 7.57 -5.35 3.40
CA GLY B 199 8.64 -4.53 3.89
C GLY B 199 8.29 -3.40 4.81
N PHE B 200 7.31 -3.64 5.69
CA PHE B 200 7.01 -2.57 6.63
C PHE B 200 8.20 -2.31 7.55
N HIS B 201 8.29 -1.06 7.99
CA HIS B 201 9.39 -0.65 8.85
C HIS B 201 9.18 -1.08 10.29
N MET B 202 7.94 -0.99 10.72
CA MET B 202 7.57 -1.25 12.11
C MET B 202 6.23 -1.93 12.25
N VAL B 203 6.00 -2.52 13.42
CA VAL B 203 4.71 -3.10 13.75
C VAL B 203 4.37 -2.45 15.09
N TYR B 204 3.13 -2.00 15.24
CA TYR B 204 2.69 -1.35 16.46
C TYR B 204 1.52 -2.20 16.98
N LEU B 205 1.67 -2.76 18.20
CA LEU B 205 0.63 -3.59 18.80
C LEU B 205 0.03 -2.71 19.88
N TYR B 206 -1.26 -2.45 19.76
CA TYR B 206 -1.94 -1.52 20.68
C TYR B 206 -3.19 -2.10 21.38
N SER B 207 -3.42 -1.70 22.63
CA SER B 207 -4.68 -2.07 23.27
C SER B 207 -5.20 -0.84 23.97
N ARG B 208 -6.37 -0.36 23.56
CA ARG B 208 -6.84 0.85 24.22
C ARG B 208 -7.32 0.58 25.62
N ASN B 209 -8.00 -0.54 25.78
CA ASN B 209 -8.63 -0.84 27.06
C ASN B 209 -8.14 -2.03 27.84
N GLU B 210 -7.25 -2.79 27.24
CA GLU B 210 -6.73 -3.98 27.89
C GLU B 210 -5.22 -3.95 27.74
N HIS B 211 -4.59 -5.12 27.71
CA HIS B 211 -3.15 -5.18 27.52
C HIS B 211 -2.83 -6.11 26.36
N VAL B 212 -1.86 -5.72 25.53
CA VAL B 212 -1.47 -6.62 24.47
C VAL B 212 -0.85 -7.84 25.19
N PRO B 213 -1.24 -9.06 24.83
CA PRO B 213 -0.64 -10.21 25.53
C PRO B 213 0.85 -10.34 25.24
N PRO B 214 1.68 -10.49 26.28
CA PRO B 214 3.10 -10.65 26.08
C PRO B 214 3.42 -11.78 25.11
N GLU B 215 2.62 -12.85 25.09
CA GLU B 215 2.93 -13.96 24.19
C GLU B 215 2.76 -13.55 22.70
N VAL B 216 1.87 -12.59 22.43
CA VAL B 216 1.69 -12.12 21.05
C VAL B 216 2.92 -11.28 20.70
N VAL B 217 3.41 -10.52 21.66
CA VAL B 217 4.60 -9.75 21.43
C VAL B 217 5.75 -10.68 21.03
N ARG B 218 5.89 -11.76 21.79
CA ARG B 218 6.94 -12.73 21.50
C ARG B 218 6.75 -13.31 20.09
N HIS B 219 5.51 -13.63 19.76
CA HIS B 219 5.24 -14.26 18.46
C HIS B 219 5.64 -13.29 17.35
N PHE B 220 5.32 -12.01 17.50
CA PHE B 220 5.72 -11.06 16.49
C PHE B 220 7.23 -10.93 16.42
N ARG B 221 7.88 -10.83 17.57
CA ARG B 221 9.33 -10.66 17.52
C ARG B 221 9.98 -11.78 16.75
N LYS B 222 9.47 -12.99 16.97
CA LYS B 222 10.04 -14.16 16.31
C LYS B 222 9.77 -14.23 14.83
N GLY B 223 8.64 -13.68 14.40
CA GLY B 223 8.33 -13.77 12.98
C GLY B 223 8.75 -12.58 12.14
N LEU B 224 9.14 -11.48 12.78
CA LEU B 224 9.54 -10.30 12.03
C LEU B 224 11.01 -10.36 11.61
N GLY B 225 11.38 -9.55 10.61
CA GLY B 225 12.78 -9.46 10.18
C GLY B 225 13.56 -8.73 11.28
N PRO B 226 14.88 -8.91 11.36
CA PRO B 226 15.69 -8.27 12.40
C PRO B 226 15.69 -6.77 12.37
N ASP B 227 15.42 -6.20 11.21
CA ASP B 227 15.40 -4.74 11.10
C ASP B 227 14.00 -4.13 11.26
N GLN B 228 12.99 -4.96 11.52
CA GLN B 228 11.62 -4.44 11.70
C GLN B 228 11.43 -4.15 13.18
N VAL B 229 11.00 -2.92 13.48
CA VAL B 229 10.88 -2.43 14.83
C VAL B 229 9.55 -2.75 15.43
N LEU B 230 9.56 -3.31 16.66
CA LEU B 230 8.32 -3.72 17.29
C LEU B 230 7.93 -2.78 18.46
N PHE B 231 6.82 -2.05 18.29
CA PHE B 231 6.34 -1.11 19.32
C PHE B 231 5.11 -1.70 20.01
N VAL B 232 4.96 -1.58 21.34
CA VAL B 232 3.77 -2.08 21.98
C VAL B 232 3.30 -0.96 22.90
N SER B 233 1.99 -0.68 22.94
CA SER B 233 1.53 0.32 23.92
C SER B 233 0.11 -0.01 24.33
N GLY B 234 -0.30 0.60 25.43
CA GLY B 234 -1.62 0.44 25.96
C GLY B 234 -1.64 0.02 27.44
N ASN B 235 -2.02 0.96 28.27
CA ASN B 235 -2.17 0.74 29.71
C ASN B 235 -0.93 0.25 30.42
N VAL B 236 0.21 0.70 29.93
CA VAL B 236 1.48 0.39 30.61
C VAL B 236 1.66 1.47 31.67
N ARG B 237 1.72 1.03 32.93
CA ARG B 237 1.83 1.99 34.02
C ARG B 237 2.89 1.71 35.08
N SER B 238 3.68 0.66 34.87
CA SER B 238 4.71 0.28 35.84
C SER B 238 5.97 -0.15 35.14
N GLY B 239 7.10 -0.07 35.84
CA GLY B 239 8.36 -0.51 35.24
C GLY B 239 8.32 -2.02 35.01
N ARG B 240 7.57 -2.73 35.87
CA ARG B 240 7.47 -4.20 35.72
C ARG B 240 6.85 -4.54 34.37
N GLN B 241 5.84 -3.76 33.98
CA GLN B 241 5.21 -4.05 32.70
C GLN B 241 6.15 -3.75 31.54
N VAL B 242 6.94 -2.68 31.64
CA VAL B 242 7.87 -2.36 30.57
C VAL B 242 8.86 -3.52 30.44
N THR B 243 9.37 -3.97 31.59
CA THR B 243 10.34 -5.07 31.57
C THR B 243 9.76 -6.35 30.94
N GLU B 244 8.54 -6.69 31.30
CA GLU B 244 7.95 -7.88 30.76
C GLU B 244 7.83 -7.80 29.22
N TYR B 245 7.41 -6.64 28.71
CA TYR B 245 7.30 -6.47 27.27
C TYR B 245 8.66 -6.48 26.59
N LEU B 246 9.67 -5.86 27.20
CA LEU B 246 11.00 -5.90 26.55
C LEU B 246 11.54 -7.35 26.54
N ASP B 247 11.29 -8.06 27.64
CA ASP B 247 11.71 -9.45 27.78
C ASP B 247 11.00 -10.31 26.76
N SER B 248 9.80 -9.89 26.34
CA SER B 248 9.04 -10.62 25.32
C SER B 248 9.40 -10.25 23.89
N GLY B 249 10.24 -9.26 23.73
CA GLY B 249 10.68 -8.93 22.40
C GLY B 249 10.40 -7.55 21.87
N ALA B 250 9.64 -6.76 22.62
CA ALA B 250 9.39 -5.40 22.14
C ALA B 250 10.65 -4.55 22.07
N ASP B 251 10.75 -3.75 21.03
CA ASP B 251 11.85 -2.81 20.91
C ASP B 251 11.52 -1.57 21.73
N TYR B 252 10.25 -1.16 21.66
CA TYR B 252 9.87 0.02 22.40
C TYR B 252 8.52 -0.19 23.09
N VAL B 253 8.39 0.31 24.32
CA VAL B 253 7.14 0.16 25.04
C VAL B 253 6.61 1.55 25.28
N GLY B 254 5.47 1.87 24.69
CA GLY B 254 4.99 3.23 24.83
C GLY B 254 4.05 3.41 25.98
N PHE B 255 4.00 4.63 26.51
CA PHE B 255 3.08 4.92 27.60
C PHE B 255 2.74 6.42 27.58
N ALA B 256 1.43 6.71 27.79
CA ALA B 256 0.97 8.11 27.78
C ALA B 256 0.26 8.49 29.07
N GLY B 257 -0.85 7.79 29.32
CA GLY B 257 -1.71 8.14 30.45
C GLY B 257 -1.10 8.19 31.80
N ALA B 258 -0.16 7.30 32.05
CA ALA B 258 0.50 7.32 33.36
C ALA B 258 1.08 8.70 33.70
N LEU B 259 1.48 9.50 32.72
CA LEU B 259 2.04 10.80 33.06
C LEU B 259 1.07 11.96 32.93
N GLU B 260 -0.21 11.69 32.61
CA GLU B 260 -1.19 12.80 32.45
C GLU B 260 -1.80 13.11 33.80
N GLN B 261 -0.96 13.50 34.74
CA GLN B 261 -1.41 13.78 36.12
C GLN B 261 -0.35 14.66 36.76
N PRO B 262 -0.67 15.31 37.91
CA PRO B 262 0.35 16.19 38.50
C PRO B 262 1.65 15.61 39.01
N ASP B 263 1.61 14.36 39.46
CA ASP B 263 2.76 13.65 40.00
C ASP B 263 3.46 12.84 38.90
N TRP B 264 3.48 13.37 37.70
CA TRP B 264 4.10 12.60 36.59
C TRP B 264 5.60 12.31 36.78
N ARG B 265 6.33 13.20 37.45
CA ARG B 265 7.76 12.89 37.66
C ARG B 265 8.00 11.61 38.40
N SER B 266 7.24 11.34 39.44
CA SER B 266 7.41 10.09 40.20
C SER B 266 7.00 8.89 39.37
N ALA B 267 5.89 9.05 38.64
CA ALA B 267 5.40 7.98 37.79
C ALA B 267 6.44 7.64 36.72
N LEU B 268 7.04 8.67 36.12
CA LEU B 268 8.02 8.47 35.06
C LEU B 268 9.25 7.75 35.60
N ALA B 269 9.69 8.16 36.78
CA ALA B 269 10.85 7.52 37.41
C ALA B 269 10.58 6.02 37.63
N GLU B 270 9.38 5.66 38.11
CA GLU B 270 9.05 4.25 38.32
C GLU B 270 8.98 3.45 37.02
N ILE B 271 8.33 4.01 36.02
CA ILE B 271 8.23 3.33 34.74
C ILE B 271 9.58 3.18 34.04
N ALA B 272 10.46 4.17 34.17
CA ALA B 272 11.77 4.12 33.50
C ALA B 272 12.67 3.10 34.20
N GLY B 273 12.21 2.54 35.31
CA GLY B 273 12.99 1.53 36.00
C GLY B 273 14.08 2.11 36.87
N ARG B 274 13.92 3.39 37.24
CA ARG B 274 14.92 4.10 38.06
C ARG B 274 15.26 3.34 39.35
#